data_8KDF
#
_entry.id   8KDF
#
_cell.length_a   1.00
_cell.length_b   1.00
_cell.length_c   1.00
_cell.angle_alpha   90.00
_cell.angle_beta   90.00
_cell.angle_gamma   90.00
#
_symmetry.space_group_name_H-M   'P 1'
#
loop_
_entity.id
_entity.type
_entity.pdbx_description
1 polymer '4F2 cell-surface antigen heavy chain'
2 polymer 'Large neutral amino acids transporter small subunit 1'
3 non-polymer CHOLESTEROL
4 non-polymer 1-palmitoyl-2-oleoyl-sn-glycero-3-phosphocholine
5 non-polymer Nanvuranlat
#
loop_
_entity_poly.entity_id
_entity_poly.type
_entity_poly.pdbx_seq_one_letter_code
_entity_poly.pdbx_strand_id
1 'polypeptide(L)'
;GSELQPPEASIAVVSIPRQLPGSHSEAGVQGLSAGDDSELGSHCVAQTGLELLASGDPLPSASQNAEMIETGSDCVTQAG
LQLLASSDPPALASKNAEVTGTMSQDTEVDMKEVELNELEPEKQPMNAASGAAMSLAGAEKNGLVKIKVAEDEAEAAAAA
KFTGLSKEELLKVAGSPGWVRTRWALLLLFWLGWLGMLAGAVVIIVRAPRCRELPAQKWWHTGALYRIGDLQAFQGHGAG
NLAGLKGRLDYLSSLKVKGLVLGPIHKNQKDDVAQTDLLQIDPNFGSKEDFDSLLQSAKKKSIRVILDLTPNYRGENSWF
STQVDTVATKVKDALEFWLQAGVDGFQVRDIENLKDASSFLAEWQNITKGFSEDRLLIAGTNSSDLQQILSLLESNKDLL
LTSSYLSDSGSTGEHTKSLVTQYLNATGNRWCSWSLSQARLLTSFLPAQLLRLYQLMLFTLPGTPVFSYGDEIGLDAAAL
PGQPMEAPVMLWDESSFPDIPGAVSANMTVKGQSEDPGSLLSLFRRLSDQRSKERSLLHGDFHAFSAGPGLFSYIRHWDQ
NERFLVVLNFGDVGLSAGLQASDLPASASLPAKADLLLSTQPGREEGSPLELERLKLEPHEGLLLRFPYAA
;
A
2 'polypeptide(L)'
;MAGAGPKRRALAAPAAEEKEEAREKMLAAKSADGSAPAGEGEGVTLQRNITLLNGVAIIVGTIIGSGIFVTPTGVLKEAG
SPGLALVVWAACGVFSIVGALCYAELGTTISKSGGDYAYMLEVYGSLPAFLKLWIELLIIRPSSQYIVALVFATYLLKPL
FPTCPVPEEAAKLVACLCVLLLTAVNCYSVKAATRVQDAFAAAKLLALALIILLGFVQIGKGDVSNLDPNFSFEGTKLDV
GNIVLALYSGLFAYGGWNYLNFVTEEMINPYRNLPLAIIISLPIVTLVYVLTNLAYFTTLSTEQMLSSEAVAVDFGNYHL
GVMSWIIPVFVGLSCFGSVNGSLFTSSRLFFVGSREGHLPSILSMIHPQLLTPVPSLVFTCVMTLLYAFSKDIFSVINFF
SFFNWLCVALAIIGMIWLRHRKPELERPIKVNLALPVFFILACLFLIAVSFWKTPVECGIGFTIILSGLPVYFFGVWWKN
KPKWLLQGIFSTTVLCQKLMQVVPQETDYKDDDDK
;
B
#
loop_
_chem_comp.id
_chem_comp.type
_chem_comp.name
_chem_comp.formula
CLR non-polymer CHOLESTEROL 'C27 H46 O'
LBN non-polymer 1-palmitoyl-2-oleoyl-sn-glycero-3-phosphocholine 'C42 H82 N O8 P'
VRW non-polymer Nanvuranlat 'C23 H19 Cl2 N3 O4'
#
# COMPACT_ATOMS: atom_id res chain seq x y z
N THR A 163 8.89 -25.26 -12.14
CA THR A 163 9.57 -24.36 -13.12
C THR A 163 8.93 -24.53 -14.51
N GLY A 164 9.51 -23.85 -15.52
CA GLY A 164 9.18 -24.01 -16.93
C GLY A 164 10.44 -23.89 -17.81
N LEU A 165 10.32 -23.18 -18.95
CA LEU A 165 11.37 -23.12 -19.96
C LEU A 165 12.61 -22.36 -19.47
N SER A 166 13.79 -22.82 -19.91
CA SER A 166 15.05 -22.10 -19.76
C SER A 166 15.04 -20.77 -20.51
N LYS A 167 15.92 -19.81 -20.17
CA LYS A 167 16.04 -18.52 -20.87
C LYS A 167 16.23 -18.69 -22.39
N GLU A 168 17.24 -19.46 -22.82
CA GLU A 168 17.56 -19.63 -24.24
C GLU A 168 16.44 -20.44 -24.92
N GLU A 169 16.00 -21.52 -24.25
CA GLU A 169 14.93 -22.43 -24.69
C GLU A 169 13.60 -21.71 -25.00
N LEU A 170 13.26 -20.69 -24.21
CA LEU A 170 12.12 -19.81 -24.48
C LEU A 170 12.43 -18.87 -25.65
N LEU A 171 13.54 -18.14 -25.59
CA LEU A 171 13.79 -17.05 -26.54
C LEU A 171 14.00 -17.53 -27.99
N LYS A 172 14.51 -18.76 -28.21
CA LYS A 172 14.60 -19.30 -29.56
C LYS A 172 13.23 -19.58 -30.20
N VAL A 173 12.17 -19.79 -29.39
CA VAL A 173 10.79 -20.02 -29.86
C VAL A 173 9.97 -18.73 -29.90
N ALA A 174 10.11 -17.88 -28.86
CA ALA A 174 9.30 -16.67 -28.68
C ALA A 174 9.55 -15.60 -29.74
N GLY A 175 10.64 -15.71 -30.53
CA GLY A 175 10.92 -14.84 -31.67
C GLY A 175 10.22 -15.23 -32.98
N SER A 176 9.39 -16.30 -32.98
CA SER A 176 8.66 -16.73 -34.18
C SER A 176 7.67 -15.65 -34.64
N PRO A 177 7.58 -15.31 -35.96
CA PRO A 177 6.72 -14.22 -36.45
C PRO A 177 5.27 -14.21 -35.93
N GLY A 178 4.62 -15.39 -35.82
CA GLY A 178 3.27 -15.51 -35.28
C GLY A 178 3.14 -15.00 -33.83
N TRP A 179 4.07 -15.42 -32.96
CA TRP A 179 4.13 -14.95 -31.58
C TRP A 179 4.54 -13.48 -31.47
N VAL A 180 5.52 -13.02 -32.24
CA VAL A 180 5.93 -11.61 -32.25
C VAL A 180 4.74 -10.70 -32.64
N ARG A 181 3.99 -11.05 -33.69
CA ARG A 181 2.80 -10.32 -34.07
C ARG A 181 1.70 -10.47 -33.03
N THR A 182 1.54 -11.64 -32.40
CA THR A 182 0.58 -11.84 -31.31
C THR A 182 0.84 -10.86 -30.16
N ARG A 183 2.08 -10.79 -29.66
CA ARG A 183 2.42 -9.87 -28.58
C ARG A 183 2.20 -8.41 -28.98
N TRP A 184 2.59 -8.00 -30.20
CA TRP A 184 2.29 -6.66 -30.71
C TRP A 184 0.78 -6.38 -30.73
N ALA A 185 -0.02 -7.34 -31.21
CA ALA A 185 -1.46 -7.21 -31.25
C ALA A 185 -2.06 -7.04 -29.85
N LEU A 186 -1.63 -7.83 -28.87
CA LEU A 186 -2.13 -7.72 -27.50
C LEU A 186 -1.76 -6.39 -26.88
N LEU A 187 -0.52 -5.90 -27.07
CA LEU A 187 -0.12 -4.59 -26.59
C LEU A 187 -0.95 -3.47 -27.25
N LEU A 188 -1.24 -3.56 -28.55
CA LEU A 188 -2.05 -2.58 -29.24
C LEU A 188 -3.49 -2.63 -28.70
N LEU A 189 -4.05 -3.85 -28.60
CA LEU A 189 -5.42 -4.07 -28.14
C LEU A 189 -5.60 -3.54 -26.71
N PHE A 190 -4.62 -3.76 -25.82
CA PHE A 190 -4.66 -3.24 -24.46
C PHE A 190 -4.74 -1.72 -24.45
N TRP A 191 -3.82 -1.01 -25.11
CA TRP A 191 -3.88 0.43 -25.11
C TRP A 191 -5.13 0.97 -25.81
N LEU A 192 -5.60 0.29 -26.87
CA LEU A 192 -6.84 0.69 -27.52
C LEU A 192 -8.00 0.55 -26.53
N GLY A 193 -8.06 -0.56 -25.79
CA GLY A 193 -9.07 -0.78 -24.76
C GLY A 193 -9.02 0.23 -23.60
N TRP A 194 -7.84 0.64 -23.19
CA TRP A 194 -7.68 1.69 -22.19
C TRP A 194 -8.09 3.05 -22.74
N LEU A 195 -7.69 3.44 -23.96
CA LEU A 195 -8.18 4.69 -24.54
C LEU A 195 -9.70 4.66 -24.74
N GLY A 196 -10.27 3.51 -25.08
CA GLY A 196 -11.72 3.33 -25.16
C GLY A 196 -12.41 3.48 -23.80
N MET A 197 -11.79 2.98 -22.74
CA MET A 197 -12.28 3.14 -21.38
C MET A 197 -12.19 4.60 -20.95
N LEU A 198 -11.15 5.33 -21.35
CA LEU A 198 -11.06 6.76 -21.07
C LEU A 198 -12.14 7.52 -21.83
N ALA A 199 -12.34 7.22 -23.11
CA ALA A 199 -13.42 7.81 -23.88
C ALA A 199 -14.79 7.54 -23.21
N GLY A 200 -15.02 6.32 -22.73
CA GLY A 200 -16.20 5.98 -21.95
C GLY A 200 -16.32 6.80 -20.67
N ALA A 201 -15.29 6.90 -19.86
CA ALA A 201 -15.33 7.65 -18.62
C ALA A 201 -15.63 9.11 -18.92
N VAL A 202 -14.96 9.73 -19.92
CA VAL A 202 -15.24 11.12 -20.26
C VAL A 202 -16.67 11.30 -20.78
N VAL A 203 -17.19 10.34 -21.57
CA VAL A 203 -18.59 10.35 -21.99
C VAL A 203 -19.49 10.43 -20.76
N ILE A 204 -19.26 9.59 -19.74
CA ILE A 204 -20.14 9.57 -18.58
C ILE A 204 -20.03 10.87 -17.79
N ILE A 205 -18.85 11.45 -17.65
CA ILE A 205 -18.67 12.70 -16.92
C ILE A 205 -19.40 13.86 -17.62
N VAL A 206 -19.39 13.92 -18.96
CA VAL A 206 -20.12 14.94 -19.70
C VAL A 206 -21.63 14.67 -19.65
N ARG A 207 -22.03 13.44 -19.99
CA ARG A 207 -23.42 13.05 -20.15
C ARG A 207 -24.01 12.61 -18.79
N ALA A 208 -23.97 13.55 -17.82
CA ALA A 208 -24.47 13.38 -16.46
C ALA A 208 -24.92 14.74 -15.88
N PRO A 209 -25.81 14.77 -14.85
CA PRO A 209 -26.36 16.04 -14.34
C PRO A 209 -25.36 16.85 -13.52
N ARG A 210 -24.96 18.03 -14.04
CA ARG A 210 -24.09 18.94 -13.32
C ARG A 210 -24.88 19.53 -12.16
N CYS A 211 -24.48 19.21 -10.91
CA CYS A 211 -25.42 19.28 -9.79
C CYS A 211 -25.69 20.69 -9.25
N ARG A 212 -26.85 20.80 -8.57
CA ARG A 212 -27.52 22.01 -8.07
C ARG A 212 -26.55 22.94 -7.37
N GLU A 213 -26.53 24.23 -7.75
CA GLU A 213 -25.69 25.24 -7.08
C GLU A 213 -26.29 25.68 -5.73
N LEU A 214 -25.43 26.04 -4.75
CA LEU A 214 -25.93 26.43 -3.44
C LEU A 214 -26.51 27.85 -3.50
N GLY B 43 22.58 -12.87 -15.75
CA GLY B 43 21.78 -12.45 -16.91
C GLY B 43 20.50 -11.73 -16.50
N VAL B 44 19.51 -12.49 -15.98
CA VAL B 44 18.19 -11.96 -15.64
C VAL B 44 17.94 -11.96 -14.13
N THR B 45 17.67 -10.76 -13.62
CA THR B 45 17.31 -10.54 -12.22
C THR B 45 16.66 -9.15 -12.07
N LEU B 46 16.00 -8.91 -10.93
CA LEU B 46 15.53 -7.58 -10.58
C LEU B 46 16.72 -6.71 -10.10
N GLN B 47 17.15 -5.75 -10.94
CA GLN B 47 18.34 -4.95 -10.64
C GLN B 47 18.12 -3.89 -9.55
N ARG B 48 19.22 -3.44 -8.92
CA ARG B 48 19.21 -2.48 -7.81
C ARG B 48 19.08 -1.03 -8.28
N ASN B 49 17.82 -0.61 -8.57
CA ASN B 49 17.52 0.71 -9.10
C ASN B 49 17.22 1.77 -8.03
N ILE B 50 16.85 1.39 -6.80
CA ILE B 50 16.23 2.34 -5.87
C ILE B 50 17.30 3.10 -5.07
N THR B 51 17.51 4.39 -5.45
CA THR B 51 18.39 5.29 -4.72
C THR B 51 17.68 5.85 -3.47
N LEU B 52 18.44 6.33 -2.47
CA LEU B 52 17.91 6.75 -1.17
C LEU B 52 16.70 7.66 -1.27
N LEU B 53 16.70 8.72 -2.12
CA LEU B 53 15.57 9.64 -2.22
C LEU B 53 14.34 8.93 -2.76
N ASN B 54 14.50 7.97 -3.68
CA ASN B 54 13.40 7.12 -4.17
C ASN B 54 12.94 6.13 -3.10
N GLY B 55 13.85 5.67 -2.27
CA GLY B 55 13.46 4.89 -1.11
C GLY B 55 12.63 5.67 -0.13
N VAL B 56 12.99 6.94 0.13
CA VAL B 56 12.17 7.85 0.92
C VAL B 56 10.84 8.08 0.21
N ALA B 57 10.81 8.18 -1.13
CA ALA B 57 9.56 8.31 -1.85
C ALA B 57 8.64 7.12 -1.62
N ILE B 58 9.12 5.89 -1.70
CA ILE B 58 8.30 4.70 -1.56
C ILE B 58 7.67 4.60 -0.18
N ILE B 59 8.30 5.13 0.87
CA ILE B 59 7.76 5.10 2.22
C ILE B 59 6.88 6.33 2.48
N VAL B 60 7.32 7.58 2.23
CA VAL B 60 6.47 8.73 2.48
C VAL B 60 5.24 8.72 1.57
N GLY B 61 5.34 8.26 0.32
CA GLY B 61 4.23 8.23 -0.61
C GLY B 61 3.11 7.28 -0.17
N THR B 62 3.48 6.20 0.51
CA THR B 62 2.50 5.20 0.94
C THR B 62 2.05 5.42 2.38
N ILE B 63 2.79 6.17 3.20
CA ILE B 63 2.32 6.59 4.53
C ILE B 63 1.31 7.72 4.37
N ILE B 64 1.67 8.82 3.73
CA ILE B 64 0.85 10.04 3.77
C ILE B 64 -0.54 9.78 3.19
N GLY B 65 -0.65 8.89 2.20
CA GLY B 65 -1.93 8.30 1.79
C GLY B 65 -3.05 9.31 1.45
N SER B 66 -4.29 8.84 1.65
CA SER B 66 -5.45 9.71 1.80
C SER B 66 -5.58 10.25 3.23
N GLY B 67 -4.98 9.57 4.21
CA GLY B 67 -5.32 9.66 5.63
C GLY B 67 -5.42 11.10 6.16
N ILE B 68 -4.34 11.87 6.16
CA ILE B 68 -4.30 13.18 6.78
C ILE B 68 -5.31 14.20 6.18
N PHE B 69 -5.72 14.04 4.93
CA PHE B 69 -6.70 14.92 4.33
C PHE B 69 -8.18 14.62 4.69
N VAL B 70 -8.51 13.47 5.32
CA VAL B 70 -9.88 13.10 5.67
C VAL B 70 -10.03 12.47 7.07
N THR B 71 -8.95 11.97 7.70
CA THR B 71 -8.96 11.22 8.95
C THR B 71 -8.97 12.06 10.24
N PRO B 72 -8.56 13.35 10.31
CA PRO B 72 -8.66 14.13 11.55
C PRO B 72 -9.97 14.05 12.34
N THR B 73 -11.11 14.06 11.63
CA THR B 73 -12.42 13.87 12.20
C THR B 73 -12.45 12.69 13.19
N GLY B 74 -11.83 11.54 12.84
CA GLY B 74 -11.84 10.31 13.62
C GLY B 74 -11.13 10.44 14.98
N VAL B 75 -10.09 11.27 15.03
CA VAL B 75 -9.39 11.52 16.28
C VAL B 75 -10.18 12.52 17.14
N LEU B 76 -10.75 13.60 16.59
CA LEU B 76 -11.61 14.49 17.39
C LEU B 76 -12.83 13.73 17.96
N LYS B 77 -13.43 12.80 17.23
CA LYS B 77 -14.57 12.03 17.71
C LYS B 77 -14.29 11.33 19.05
N GLU B 78 -13.10 10.73 19.20
CA GLU B 78 -12.73 10.00 20.41
C GLU B 78 -11.88 10.82 21.40
N ALA B 79 -11.28 11.93 20.99
CA ALA B 79 -10.54 12.82 21.90
C ALA B 79 -11.41 13.95 22.49
N GLY B 80 -12.40 14.42 21.72
CA GLY B 80 -13.21 15.59 22.06
C GLY B 80 -12.51 16.94 21.94
N SER B 81 -11.19 16.97 22.24
CA SER B 81 -10.44 18.18 22.51
C SER B 81 -9.33 18.36 21.49
N PRO B 82 -9.17 19.52 20.81
CA PRO B 82 -8.02 19.77 19.93
C PRO B 82 -6.67 19.49 20.60
N GLY B 83 -6.53 19.77 21.89
CA GLY B 83 -5.30 19.47 22.63
C GLY B 83 -5.01 17.97 22.71
N LEU B 84 -5.98 17.17 23.17
CA LEU B 84 -5.78 15.73 23.28
C LEU B 84 -5.58 15.12 21.89
N ALA B 85 -6.32 15.60 20.89
CA ALA B 85 -6.15 15.17 19.52
C ALA B 85 -4.70 15.40 19.09
N LEU B 86 -4.22 16.63 19.20
CA LEU B 86 -2.89 16.95 18.69
C LEU B 86 -1.79 16.21 19.45
N VAL B 87 -2.03 15.81 20.70
CA VAL B 87 -1.12 14.92 21.43
C VAL B 87 -1.17 13.50 20.89
N VAL B 88 -2.33 12.88 20.65
CA VAL B 88 -2.31 11.49 20.17
C VAL B 88 -1.74 11.39 18.75
N TRP B 89 -1.86 12.43 17.93
CA TRP B 89 -1.13 12.48 16.66
C TRP B 89 0.37 12.40 16.79
N ALA B 90 0.93 13.12 17.75
CA ALA B 90 2.35 13.00 18.05
C ALA B 90 2.69 11.62 18.63
N ALA B 91 1.82 11.10 19.52
CA ALA B 91 2.06 9.87 20.25
C ALA B 91 2.14 8.69 19.31
N CYS B 92 1.17 8.50 18.43
CA CYS B 92 1.23 7.33 17.55
C CYS B 92 2.30 7.56 16.48
N GLY B 93 2.75 8.81 16.25
CA GLY B 93 3.97 9.08 15.50
C GLY B 93 5.21 8.45 16.14
N VAL B 94 5.53 8.76 17.41
CA VAL B 94 6.71 8.19 18.04
C VAL B 94 6.59 6.67 18.18
N PHE B 95 5.39 6.13 18.46
CA PHE B 95 5.18 4.68 18.38
C PHE B 95 5.53 4.10 16.98
N SER B 96 5.10 4.76 15.90
CA SER B 96 5.39 4.29 14.56
C SER B 96 6.89 4.35 14.28
N ILE B 97 7.60 5.41 14.73
CA ILE B 97 9.05 5.49 14.60
C ILE B 97 9.68 4.30 15.29
N VAL B 98 9.24 4.00 16.51
CA VAL B 98 9.75 2.85 17.24
C VAL B 98 9.53 1.50 16.52
N GLY B 99 8.39 1.29 15.91
CA GLY B 99 8.18 0.11 15.12
C GLY B 99 9.07 0.07 13.89
N ALA B 100 9.14 1.18 13.15
CA ALA B 100 9.94 1.24 11.94
C ALA B 100 11.41 1.00 12.26
N LEU B 101 11.89 1.46 13.42
CA LEU B 101 13.27 1.14 13.84
C LEU B 101 13.51 -0.37 14.04
N CYS B 102 12.48 -1.15 14.29
CA CYS B 102 12.64 -2.59 14.33
C CYS B 102 12.71 -3.20 12.92
N TYR B 103 12.00 -2.63 11.96
CA TYR B 103 12.09 -3.06 10.58
C TYR B 103 13.38 -2.55 9.93
N ALA B 104 13.89 -1.41 10.35
CA ALA B 104 15.21 -0.91 10.00
C ALA B 104 16.31 -1.85 10.49
N GLU B 105 16.09 -2.52 11.64
CA GLU B 105 16.94 -3.65 12.01
C GLU B 105 16.66 -4.82 11.06
N LEU B 106 15.44 -5.43 11.12
CA LEU B 106 15.14 -6.70 10.45
C LEU B 106 15.66 -6.74 9.02
N GLY B 107 15.35 -5.73 8.21
CA GLY B 107 15.71 -5.74 6.80
C GLY B 107 17.21 -5.59 6.51
N THR B 108 18.02 -5.23 7.50
CA THR B 108 19.47 -5.34 7.35
C THR B 108 19.96 -6.72 7.82
N THR B 109 19.26 -7.40 8.74
CA THR B 109 19.60 -8.76 9.13
C THR B 109 19.21 -9.82 8.08
N ILE B 110 18.07 -9.60 7.39
CA ILE B 110 17.55 -10.45 6.34
C ILE B 110 17.32 -9.60 5.09
N SER B 111 18.14 -9.75 4.05
CA SER B 111 18.11 -8.86 2.89
C SER B 111 17.06 -9.24 1.84
N LYS B 112 16.23 -10.27 2.06
CA LYS B 112 15.16 -10.67 1.15
C LYS B 112 14.05 -9.62 0.96
N SER B 113 13.60 -9.46 -0.31
CA SER B 113 12.54 -8.51 -0.68
C SER B 113 11.15 -9.01 -0.27
N GLY B 114 11.01 -10.14 0.42
CA GLY B 114 9.68 -10.49 0.90
C GLY B 114 9.13 -9.60 2.03
N GLY B 115 9.95 -8.72 2.59
CA GLY B 115 9.61 -7.85 3.68
C GLY B 115 8.92 -8.58 4.82
N ASP B 116 7.74 -8.10 5.18
CA ASP B 116 6.96 -8.60 6.30
C ASP B 116 6.67 -10.11 6.23
N TYR B 117 6.64 -10.70 5.00
CA TYR B 117 6.42 -12.12 4.73
C TYR B 117 7.70 -12.90 4.88
N ALA B 118 8.81 -12.43 4.29
CA ALA B 118 10.09 -13.10 4.39
C ALA B 118 10.53 -13.21 5.86
N TYR B 119 10.34 -12.14 6.67
CA TYR B 119 10.73 -12.19 8.07
C TYR B 119 9.93 -13.23 8.86
N MET B 120 8.74 -13.61 8.41
CA MET B 120 7.98 -14.71 9.01
C MET B 120 8.55 -16.02 8.52
N LEU B 121 8.83 -16.14 7.23
CA LEU B 121 9.33 -17.37 6.65
C LEU B 121 10.65 -17.81 7.29
N GLU B 122 11.56 -16.85 7.54
CA GLU B 122 12.86 -17.09 8.16
C GLU B 122 12.80 -17.42 9.65
N VAL B 123 11.60 -17.42 10.26
CA VAL B 123 11.43 -17.70 11.69
C VAL B 123 10.43 -18.86 11.88
N TYR B 124 9.16 -18.60 11.56
CA TYR B 124 8.05 -19.51 11.84
C TYR B 124 7.86 -20.58 10.75
N GLY B 125 8.64 -20.50 9.66
CA GLY B 125 8.64 -21.50 8.60
C GLY B 125 7.43 -21.41 7.68
N SER B 126 7.24 -22.49 6.91
CA SER B 126 6.48 -22.51 5.67
C SER B 126 5.03 -22.07 5.87
N LEU B 127 4.27 -22.77 6.72
CA LEU B 127 2.82 -22.55 6.76
C LEU B 127 2.48 -21.16 7.32
N PRO B 128 2.97 -20.67 8.49
CA PRO B 128 2.66 -19.33 8.97
C PRO B 128 2.92 -18.21 7.96
N ALA B 129 3.97 -18.30 7.17
CA ALA B 129 4.24 -17.32 6.13
C ALA B 129 3.18 -17.41 5.03
N PHE B 130 2.73 -18.61 4.63
CA PHE B 130 1.71 -18.74 3.58
C PHE B 130 0.39 -18.15 4.05
N LEU B 131 -0.02 -18.40 5.28
CA LEU B 131 -1.30 -17.88 5.75
C LEU B 131 -1.32 -16.35 5.66
N LYS B 132 -0.16 -15.67 5.81
CA LYS B 132 -0.07 -14.25 5.55
C LYS B 132 -0.26 -13.97 4.06
N LEU B 133 0.56 -14.60 3.22
CA LEU B 133 0.57 -14.29 1.80
C LEU B 133 -0.80 -14.52 1.15
N TRP B 134 -1.55 -15.56 1.57
CA TRP B 134 -2.90 -15.82 1.10
C TRP B 134 -3.82 -14.61 1.36
N ILE B 135 -3.82 -14.07 2.56
CA ILE B 135 -4.68 -12.95 2.91
C ILE B 135 -4.25 -11.68 2.18
N GLU B 136 -2.94 -11.44 2.07
CA GLU B 136 -2.41 -10.32 1.29
C GLU B 136 -2.81 -10.42 -0.20
N LEU B 137 -2.76 -11.61 -0.78
CA LEU B 137 -3.06 -11.87 -2.18
C LEU B 137 -4.53 -11.78 -2.49
N LEU B 138 -5.34 -12.41 -1.64
CA LEU B 138 -6.76 -12.54 -1.88
C LEU B 138 -7.49 -11.23 -1.53
N ILE B 139 -7.09 -10.56 -0.44
CA ILE B 139 -7.89 -9.48 0.12
C ILE B 139 -7.11 -8.20 0.31
N ILE B 140 -6.11 -8.20 1.18
CA ILE B 140 -5.59 -6.93 1.71
C ILE B 140 -4.99 -6.05 0.59
N ARG B 141 -4.08 -6.57 -0.23
CA ARG B 141 -3.44 -5.76 -1.24
C ARG B 141 -4.43 -5.36 -2.36
N PRO B 142 -5.20 -6.26 -2.99
CA PRO B 142 -6.12 -5.81 -4.01
C PRO B 142 -7.26 -4.91 -3.46
N SER B 143 -7.82 -5.15 -2.28
CA SER B 143 -8.78 -4.20 -1.73
C SER B 143 -8.12 -2.82 -1.44
N SER B 144 -7.02 -2.77 -0.71
CA SER B 144 -6.31 -1.55 -0.49
C SER B 144 -6.04 -0.80 -1.81
N GLN B 145 -5.46 -1.44 -2.82
CA GLN B 145 -5.17 -0.82 -4.11
C GLN B 145 -6.44 -0.26 -4.72
N TYR B 146 -7.54 -1.00 -4.69
CA TYR B 146 -8.78 -0.51 -5.28
C TYR B 146 -9.36 0.67 -4.52
N ILE B 147 -9.47 0.56 -3.18
CA ILE B 147 -10.02 1.59 -2.34
C ILE B 147 -9.25 2.89 -2.58
N VAL B 148 -7.91 2.88 -2.57
CA VAL B 148 -7.21 4.13 -2.71
C VAL B 148 -7.28 4.61 -4.15
N ALA B 149 -7.46 3.74 -5.15
CA ALA B 149 -7.70 4.20 -6.51
C ALA B 149 -9.05 4.88 -6.61
N LEU B 150 -10.07 4.36 -5.93
CA LEU B 150 -11.40 4.96 -5.95
C LEU B 150 -11.38 6.29 -5.23
N VAL B 151 -10.53 6.47 -4.19
CA VAL B 151 -10.31 7.78 -3.58
C VAL B 151 -9.61 8.73 -4.54
N PHE B 152 -8.64 8.25 -5.29
CA PHE B 152 -8.10 9.04 -6.40
C PHE B 152 -9.18 9.50 -7.39
N ALA B 153 -10.02 8.57 -7.84
CA ALA B 153 -11.05 8.89 -8.82
C ALA B 153 -12.03 9.93 -8.24
N THR B 154 -12.59 9.70 -7.05
CA THR B 154 -13.60 10.60 -6.54
C THR B 154 -13.00 11.99 -6.28
N TYR B 155 -11.89 12.10 -5.57
CA TYR B 155 -11.39 13.43 -5.26
C TYR B 155 -10.85 14.16 -6.49
N LEU B 156 -10.26 13.51 -7.48
CA LEU B 156 -9.82 14.21 -8.67
C LEU B 156 -10.99 14.78 -9.47
N LEU B 157 -12.14 14.11 -9.46
CA LEU B 157 -13.33 14.58 -10.15
C LEU B 157 -14.11 15.59 -9.32
N LYS B 158 -13.97 15.58 -7.98
CA LYS B 158 -14.82 16.32 -7.05
C LYS B 158 -15.06 17.77 -7.43
N PRO B 159 -14.11 18.61 -7.89
CA PRO B 159 -14.44 19.99 -8.25
C PRO B 159 -15.32 20.17 -9.49
N LEU B 160 -15.63 19.12 -10.26
CA LEU B 160 -16.71 19.16 -11.25
C LEU B 160 -18.11 18.99 -10.63
N PHE B 161 -18.16 18.41 -9.42
CA PHE B 161 -19.37 18.06 -8.71
C PHE B 161 -19.28 18.48 -7.23
N PRO B 162 -19.20 19.80 -6.91
CA PRO B 162 -18.86 20.21 -5.56
C PRO B 162 -19.86 19.86 -4.46
N THR B 163 -21.15 19.80 -4.81
CA THR B 163 -22.25 19.83 -3.86
C THR B 163 -22.91 18.45 -3.69
N CYS B 164 -22.40 17.41 -4.35
CA CYS B 164 -23.13 16.17 -4.61
C CYS B 164 -22.18 15.00 -4.87
N PRO B 165 -22.69 13.75 -5.02
CA PRO B 165 -21.85 12.62 -5.37
C PRO B 165 -21.23 12.78 -6.76
N VAL B 166 -20.00 12.29 -6.91
CA VAL B 166 -19.42 12.08 -8.23
C VAL B 166 -20.08 10.84 -8.83
N PRO B 167 -20.57 10.84 -10.10
CA PRO B 167 -21.31 9.69 -10.66
C PRO B 167 -20.58 8.36 -10.59
N GLU B 168 -21.21 7.34 -9.97
CA GLU B 168 -20.51 6.10 -9.60
C GLU B 168 -19.99 5.31 -10.81
N GLU B 169 -20.76 5.25 -11.91
CA GLU B 169 -20.28 4.58 -13.10
C GLU B 169 -19.06 5.30 -13.71
N ALA B 170 -18.80 6.58 -13.37
CA ALA B 170 -17.59 7.30 -13.77
C ALA B 170 -16.49 7.03 -12.78
N ALA B 171 -16.79 7.08 -11.49
CA ALA B 171 -15.78 6.86 -10.45
C ALA B 171 -15.11 5.50 -10.60
N LYS B 172 -15.85 4.40 -10.84
CA LYS B 172 -15.22 3.10 -11.05
C LYS B 172 -14.38 3.02 -12.33
N LEU B 173 -14.67 3.75 -13.39
CA LEU B 173 -13.80 3.76 -14.55
C LEU B 173 -12.54 4.52 -14.21
N VAL B 174 -12.65 5.70 -13.63
CA VAL B 174 -11.46 6.50 -13.40
C VAL B 174 -10.57 5.82 -12.34
N ALA B 175 -11.09 4.96 -11.50
CA ALA B 175 -10.25 4.06 -10.68
C ALA B 175 -9.57 3.00 -11.54
N CYS B 176 -10.28 2.33 -12.44
CA CYS B 176 -9.71 1.28 -13.26
C CYS B 176 -8.65 1.81 -14.24
N LEU B 177 -8.87 2.96 -14.86
CA LEU B 177 -7.88 3.59 -15.71
C LEU B 177 -6.57 3.86 -14.97
N CYS B 178 -6.64 4.30 -13.70
CA CYS B 178 -5.47 4.47 -12.85
C CYS B 178 -4.69 3.16 -12.58
N VAL B 179 -5.34 2.10 -12.09
CA VAL B 179 -4.70 0.83 -11.83
C VAL B 179 -4.11 0.22 -13.12
N LEU B 180 -4.83 0.28 -14.23
CA LEU B 180 -4.33 -0.25 -15.49
C LEU B 180 -3.11 0.57 -15.91
N LEU B 181 -3.14 1.90 -15.78
CA LEU B 181 -2.02 2.73 -16.19
C LEU B 181 -0.79 2.42 -15.36
N LEU B 182 -0.94 2.30 -14.05
CA LEU B 182 0.26 2.11 -13.24
C LEU B 182 0.84 0.70 -13.34
N THR B 183 0.05 -0.32 -13.66
CA THR B 183 0.62 -1.62 -13.97
C THR B 183 1.20 -1.66 -15.36
N ALA B 184 0.85 -0.74 -16.26
CA ALA B 184 1.59 -0.59 -17.50
C ALA B 184 2.93 0.09 -17.19
N VAL B 185 2.92 1.26 -16.56
CA VAL B 185 4.16 1.95 -16.19
C VAL B 185 5.16 1.07 -15.43
N ASN B 186 4.70 0.27 -14.47
CA ASN B 186 5.61 -0.55 -13.70
C ASN B 186 6.00 -1.79 -14.48
N CYS B 187 5.36 -2.14 -15.61
CA CYS B 187 5.95 -3.08 -16.56
C CYS B 187 7.07 -2.47 -17.40
N TYR B 188 6.96 -1.21 -17.79
CA TYR B 188 7.90 -0.60 -18.74
C TYR B 188 9.28 -0.33 -18.13
N SER B 189 9.38 0.15 -16.88
CA SER B 189 10.70 0.32 -16.25
C SER B 189 10.65 0.68 -14.77
N VAL B 190 11.47 0.07 -13.93
CA VAL B 190 11.52 0.46 -12.53
C VAL B 190 11.99 1.91 -12.37
N LYS B 191 12.77 2.43 -13.31
CA LYS B 191 13.16 3.84 -13.30
C LYS B 191 11.95 4.73 -13.59
N ALA B 192 11.05 4.33 -14.49
CA ALA B 192 9.79 5.05 -14.67
C ALA B 192 8.92 4.96 -13.41
N ALA B 193 8.75 3.77 -12.85
CA ALA B 193 7.95 3.54 -11.65
C ALA B 193 8.38 4.43 -10.50
N THR B 194 9.70 4.50 -10.23
CA THR B 194 10.22 5.31 -9.14
C THR B 194 10.28 6.81 -9.47
N ARG B 195 10.44 7.20 -10.74
CA ARG B 195 10.26 8.61 -11.12
C ARG B 195 8.81 9.08 -10.94
N VAL B 196 7.81 8.24 -11.24
CA VAL B 196 6.41 8.50 -10.94
C VAL B 196 6.21 8.74 -9.45
N GLN B 197 6.72 7.84 -8.61
CA GLN B 197 6.54 8.05 -7.17
C GLN B 197 7.38 9.19 -6.59
N ASP B 198 8.55 9.55 -7.13
CA ASP B 198 9.18 10.79 -6.76
C ASP B 198 8.22 11.98 -6.99
N ALA B 199 7.64 12.07 -8.20
CA ALA B 199 6.77 13.17 -8.59
C ALA B 199 5.55 13.27 -7.68
N PHE B 200 4.87 12.16 -7.40
CA PHE B 200 3.68 12.20 -6.56
C PHE B 200 3.98 12.27 -5.06
N ALA B 201 5.07 11.68 -4.57
CA ALA B 201 5.52 11.94 -3.19
C ALA B 201 5.78 13.44 -2.99
N ALA B 202 6.34 14.13 -4.00
CA ALA B 202 6.53 15.56 -3.96
C ALA B 202 5.19 16.27 -3.93
N ALA B 203 4.25 15.92 -4.79
CA ALA B 203 2.92 16.52 -4.81
C ALA B 203 2.24 16.46 -3.43
N LYS B 204 2.33 15.32 -2.76
CA LYS B 204 1.78 15.14 -1.43
C LYS B 204 2.39 16.09 -0.40
N LEU B 205 3.73 16.15 -0.28
CA LEU B 205 4.35 16.99 0.73
C LEU B 205 4.13 18.46 0.38
N LEU B 206 4.13 18.83 -0.91
CA LEU B 206 3.83 20.19 -1.35
C LEU B 206 2.42 20.59 -0.90
N ALA B 207 1.45 19.70 -1.08
CA ALA B 207 0.08 19.93 -0.62
C ALA B 207 0.01 20.13 0.89
N LEU B 208 0.72 19.34 1.69
CA LEU B 208 0.71 19.55 3.14
C LEU B 208 1.47 20.81 3.54
N ALA B 209 2.54 21.19 2.83
CA ALA B 209 3.20 22.44 3.09
C ALA B 209 2.27 23.61 2.81
N LEU B 210 1.48 23.55 1.74
CA LEU B 210 0.51 24.60 1.40
C LEU B 210 -0.54 24.71 2.49
N ILE B 211 -1.03 23.57 2.99
CA ILE B 211 -1.98 23.53 4.09
C ILE B 211 -1.36 24.17 5.35
N ILE B 212 -0.12 23.81 5.69
CA ILE B 212 0.52 24.31 6.90
C ILE B 212 0.73 25.81 6.79
N LEU B 213 1.20 26.27 5.63
CA LEU B 213 1.48 27.67 5.38
C LEU B 213 0.22 28.53 5.58
N LEU B 214 -0.90 28.16 4.96
CA LEU B 214 -2.15 28.90 5.13
C LEU B 214 -2.59 28.90 6.61
N GLY B 215 -2.34 27.83 7.36
CA GLY B 215 -2.56 27.80 8.80
C GLY B 215 -1.79 28.89 9.53
N PHE B 216 -0.47 29.00 9.29
CA PHE B 216 0.34 30.05 9.90
C PHE B 216 -0.09 31.45 9.44
N VAL B 217 -0.45 31.61 8.16
CA VAL B 217 -0.99 32.87 7.67
C VAL B 217 -2.26 33.27 8.44
N GLN B 218 -3.16 32.32 8.74
CA GLN B 218 -4.35 32.63 9.50
C GLN B 218 -4.01 33.03 10.95
N ILE B 219 -2.97 32.45 11.57
CA ILE B 219 -2.50 32.94 12.86
C ILE B 219 -1.97 34.37 12.72
N GLY B 220 -1.17 34.67 11.68
CA GLY B 220 -0.66 36.01 11.39
C GLY B 220 -1.74 37.08 11.19
N LYS B 221 -2.90 36.69 10.64
CA LYS B 221 -4.08 37.55 10.53
C LYS B 221 -4.88 37.70 11.84
N GLY B 222 -4.51 36.98 12.92
CA GLY B 222 -5.16 37.11 14.22
C GLY B 222 -6.57 36.50 14.21
N PHE B 233 -6.22 23.56 25.11
CA PHE B 233 -7.09 22.42 25.49
C PHE B 233 -8.52 22.89 25.78
N GLU B 234 -9.49 22.01 25.42
CA GLU B 234 -10.92 22.20 25.61
C GLU B 234 -11.52 20.95 26.29
N GLY B 235 -12.86 20.84 26.34
CA GLY B 235 -13.60 19.70 26.88
C GLY B 235 -13.11 18.34 26.35
N THR B 236 -12.45 17.57 27.24
CA THR B 236 -11.64 16.41 26.87
C THR B 236 -12.34 15.11 27.30
N LYS B 237 -12.40 14.11 26.39
CA LYS B 237 -12.94 12.79 26.69
C LYS B 237 -11.89 11.95 27.43
N LEU B 238 -11.63 12.29 28.70
CA LEU B 238 -10.43 11.88 29.44
C LEU B 238 -10.45 10.40 29.90
N ASP B 239 -11.54 9.66 29.63
CA ASP B 239 -11.61 8.22 29.80
C ASP B 239 -10.53 7.48 28.99
N VAL B 240 -9.78 6.55 29.64
CA VAL B 240 -8.80 5.71 28.95
C VAL B 240 -9.46 4.90 27.82
N GLY B 241 -10.70 4.41 28.02
CA GLY B 241 -11.47 3.73 26.98
C GLY B 241 -11.82 4.60 25.76
N ASN B 242 -11.83 5.94 25.90
CA ASN B 242 -11.95 6.88 24.79
C ASN B 242 -10.57 7.10 24.17
N ILE B 243 -9.57 7.45 24.99
CA ILE B 243 -8.20 7.69 24.55
C ILE B 243 -7.65 6.52 23.71
N VAL B 244 -7.86 5.27 24.14
CA VAL B 244 -7.33 4.14 23.39
C VAL B 244 -7.96 4.04 22.00
N LEU B 245 -9.25 4.38 21.84
CA LEU B 245 -9.90 4.38 20.53
C LEU B 245 -9.46 5.59 19.71
N ALA B 246 -9.08 6.70 20.35
CA ALA B 246 -8.49 7.84 19.65
C ALA B 246 -7.17 7.41 19.06
N LEU B 247 -6.31 6.81 19.89
CA LEU B 247 -4.99 6.39 19.45
C LEU B 247 -5.14 5.34 18.33
N TYR B 248 -6.01 4.33 18.52
CA TYR B 248 -6.15 3.24 17.56
C TYR B 248 -6.74 3.79 16.24
N SER B 249 -7.57 4.82 16.27
CA SER B 249 -8.11 5.43 15.05
C SER B 249 -7.12 6.38 14.36
N GLY B 250 -6.07 6.79 15.08
CA GLY B 250 -5.03 7.64 14.53
C GLY B 250 -3.94 6.83 13.87
N LEU B 251 -3.57 5.67 14.44
CA LEU B 251 -2.53 4.79 13.89
C LEU B 251 -2.74 4.40 12.42
N PHE B 252 -3.99 4.31 11.97
CA PHE B 252 -4.30 4.13 10.56
C PHE B 252 -3.57 5.15 9.66
N ALA B 253 -3.46 6.42 10.05
CA ALA B 253 -2.86 7.42 9.21
C ALA B 253 -1.34 7.24 9.07
N TYR B 254 -0.68 6.50 9.97
CA TYR B 254 0.72 6.15 9.83
C TYR B 254 0.97 4.79 9.15
N GLY B 255 -0.09 3.96 9.05
CA GLY B 255 -0.01 2.67 8.39
C GLY B 255 0.53 2.75 6.97
N GLY B 256 1.62 2.02 6.71
CA GLY B 256 2.41 2.10 5.50
C GLY B 256 3.91 2.06 5.78
N TRP B 257 4.38 2.41 6.98
CA TRP B 257 5.81 2.55 7.29
C TRP B 257 6.62 1.28 7.02
N ASN B 258 5.99 0.10 6.96
CA ASN B 258 6.77 -1.12 6.69
C ASN B 258 7.03 -1.37 5.21
N TYR B 259 6.44 -0.61 4.30
CA TYR B 259 6.37 -1.00 2.89
C TYR B 259 7.74 -1.02 2.19
N LEU B 260 8.72 -0.22 2.67
CA LEU B 260 10.06 -0.28 2.08
C LEU B 260 10.70 -1.66 2.13
N ASN B 261 10.47 -2.40 3.19
CA ASN B 261 11.03 -3.72 3.38
C ASN B 261 10.69 -4.68 2.24
N PHE B 262 9.53 -4.60 1.61
CA PHE B 262 9.22 -5.46 0.47
C PHE B 262 10.00 -5.10 -0.78
N VAL B 263 10.83 -4.03 -0.80
CA VAL B 263 11.75 -3.80 -1.92
C VAL B 263 13.21 -3.70 -1.50
N THR B 264 13.60 -4.28 -0.34
CA THR B 264 14.96 -4.26 0.21
C THR B 264 15.98 -4.70 -0.85
N GLU B 265 15.62 -5.73 -1.62
CA GLU B 265 16.53 -6.40 -2.54
C GLU B 265 16.88 -5.56 -3.78
N GLU B 266 16.11 -4.50 -4.07
CA GLU B 266 16.33 -3.58 -5.17
C GLU B 266 16.92 -2.22 -4.74
N MET B 267 17.34 -2.05 -3.48
CA MET B 267 18.04 -0.87 -3.02
C MET B 267 19.48 -0.85 -3.52
N ILE B 268 20.03 0.35 -3.86
CA ILE B 268 21.40 0.44 -4.37
C ILE B 268 22.40 -0.01 -3.31
N ASN B 269 22.07 0.21 -2.02
CA ASN B 269 22.96 -0.11 -0.91
C ASN B 269 22.11 -0.37 0.32
N PRO B 270 21.46 -1.54 0.48
CA PRO B 270 20.44 -1.73 1.49
C PRO B 270 20.96 -1.54 2.91
N TYR B 271 22.14 -2.06 3.26
CA TYR B 271 22.61 -2.01 4.64
C TYR B 271 22.77 -0.57 5.16
N ARG B 272 23.13 0.40 4.31
CA ARG B 272 23.03 1.81 4.66
C ARG B 272 21.63 2.39 4.44
N ASN B 273 21.07 2.24 3.24
CA ASN B 273 19.92 3.05 2.81
C ASN B 273 18.60 2.55 3.39
N LEU B 274 18.42 1.26 3.70
CA LEU B 274 17.16 0.80 4.27
C LEU B 274 16.86 1.40 5.66
N PRO B 275 17.75 1.40 6.68
CA PRO B 275 17.50 2.14 7.91
C PRO B 275 17.50 3.66 7.70
N LEU B 276 18.33 4.21 6.84
CA LEU B 276 18.31 5.65 6.64
C LEU B 276 17.00 6.13 6.00
N ALA B 277 16.42 5.40 5.04
CA ALA B 277 15.15 5.82 4.42
C ALA B 277 13.99 5.81 5.39
N ILE B 278 14.04 4.94 6.43
CA ILE B 278 13.08 5.03 7.52
C ILE B 278 13.30 6.31 8.34
N ILE B 279 14.52 6.57 8.83
CA ILE B 279 14.77 7.70 9.73
C ILE B 279 14.69 9.05 9.01
N ILE B 280 14.94 9.10 7.70
CA ILE B 280 14.71 10.30 6.91
C ILE B 280 13.23 10.53 6.65
N SER B 281 12.34 9.53 6.85
CA SER B 281 10.92 9.70 6.53
C SER B 281 10.02 9.77 7.78
N LEU B 282 10.00 8.80 8.69
CA LEU B 282 8.92 8.83 9.69
C LEU B 282 8.93 10.05 10.62
N PRO B 283 10.10 10.55 11.09
CA PRO B 283 10.14 11.82 11.78
C PRO B 283 9.61 12.97 10.94
N ILE B 284 9.85 12.96 9.61
CA ILE B 284 9.33 14.00 8.72
C ILE B 284 7.80 13.93 8.62
N VAL B 285 7.28 12.71 8.46
CA VAL B 285 5.84 12.48 8.48
C VAL B 285 5.24 12.97 9.80
N THR B 286 5.83 12.60 10.95
CA THR B 286 5.27 12.94 12.25
C THR B 286 5.20 14.44 12.44
N LEU B 287 6.28 15.14 12.11
CA LEU B 287 6.25 16.60 12.14
C LEU B 287 5.11 17.14 11.25
N VAL B 288 5.06 16.72 9.96
CA VAL B 288 4.08 17.25 9.02
C VAL B 288 2.65 16.95 9.49
N TYR B 289 2.41 15.83 10.13
CA TYR B 289 1.09 15.53 10.66
C TYR B 289 0.72 16.44 11.81
N VAL B 290 1.58 16.64 12.82
CA VAL B 290 1.17 17.52 13.93
C VAL B 290 0.99 18.95 13.44
N LEU B 291 1.83 19.41 12.53
CA LEU B 291 1.64 20.73 11.93
C LEU B 291 0.38 20.79 11.06
N THR B 292 0.03 19.75 10.32
CA THR B 292 -1.18 19.80 9.49
C THR B 292 -2.42 19.84 10.37
N ASN B 293 -2.46 19.04 11.44
CA ASN B 293 -3.57 19.10 12.38
C ASN B 293 -3.66 20.50 12.99
N LEU B 294 -2.52 21.07 13.40
CA LEU B 294 -2.46 22.42 13.94
C LEU B 294 -3.10 23.36 12.94
N ALA B 295 -2.73 23.26 11.67
CA ALA B 295 -3.28 24.13 10.63
C ALA B 295 -4.82 24.04 10.55
N TYR B 296 -5.42 22.86 10.55
CA TYR B 296 -6.86 22.73 10.55
C TYR B 296 -7.49 23.44 11.76
N PHE B 297 -6.94 23.25 12.97
CA PHE B 297 -7.49 23.91 14.13
C PHE B 297 -7.40 25.46 14.13
N THR B 298 -6.60 26.08 13.24
CA THR B 298 -6.63 27.53 13.09
C THR B 298 -7.90 28.02 12.39
N THR B 299 -8.63 27.13 11.69
CA THR B 299 -9.67 27.52 10.74
C THR B 299 -11.01 26.78 10.92
N LEU B 300 -10.97 25.49 11.24
CA LEU B 300 -12.18 24.72 11.47
C LEU B 300 -12.40 24.53 12.97
N SER B 301 -13.56 25.00 13.46
CA SER B 301 -14.01 24.74 14.83
C SER B 301 -14.29 23.25 15.07
N THR B 302 -14.20 22.79 16.32
CA THR B 302 -14.40 21.39 16.67
C THR B 302 -15.70 20.81 16.12
N GLU B 303 -16.81 21.55 16.24
CA GLU B 303 -18.12 21.13 15.75
C GLU B 303 -18.09 20.85 14.23
N GLN B 304 -17.39 21.71 13.47
CA GLN B 304 -17.28 21.58 12.02
C GLN B 304 -16.43 20.36 11.62
N MET B 305 -15.30 20.10 12.27
CA MET B 305 -14.49 18.91 11.98
C MET B 305 -15.17 17.61 12.42
N LEU B 306 -15.99 17.65 13.49
CA LEU B 306 -16.75 16.47 13.93
C LEU B 306 -17.83 16.07 12.92
N SER B 307 -18.12 16.93 11.91
CA SER B 307 -19.31 16.81 11.07
C SER B 307 -19.07 17.12 9.59
N SER B 308 -17.80 17.14 9.14
CA SER B 308 -17.44 17.37 7.73
C SER B 308 -16.73 16.13 7.19
N GLU B 309 -17.17 15.65 6.00
CA GLU B 309 -16.78 14.33 5.50
C GLU B 309 -15.53 14.36 4.61
N ALA B 310 -14.82 15.50 4.57
CA ALA B 310 -13.65 15.66 3.73
C ALA B 310 -12.82 16.84 4.22
N VAL B 311 -12.23 16.72 5.41
CA VAL B 311 -11.72 17.84 6.24
C VAL B 311 -10.84 18.83 5.46
N ALA B 312 -9.94 18.35 4.61
CA ALA B 312 -9.06 19.23 3.86
C ALA B 312 -9.81 20.14 2.89
N VAL B 313 -10.97 19.67 2.37
CA VAL B 313 -11.72 20.42 1.39
C VAL B 313 -12.39 21.63 2.08
N ASP B 314 -12.88 21.49 3.33
CA ASP B 314 -13.44 22.62 4.06
C ASP B 314 -12.38 23.70 4.32
N PHE B 315 -11.19 23.27 4.73
CA PHE B 315 -10.06 24.20 4.87
C PHE B 315 -9.73 24.85 3.54
N GLY B 316 -9.83 24.13 2.42
CA GLY B 316 -9.63 24.69 1.09
C GLY B 316 -10.67 25.77 0.79
N ASN B 317 -11.96 25.50 1.05
CA ASN B 317 -13.04 26.45 0.82
C ASN B 317 -12.85 27.75 1.60
N TYR B 318 -12.40 27.69 2.86
CA TYR B 318 -12.24 28.89 3.69
C TYR B 318 -11.13 29.81 3.18
N HIS B 319 -9.99 29.26 2.74
CA HIS B 319 -8.80 30.06 2.45
C HIS B 319 -8.64 30.46 0.97
N LEU B 320 -8.99 29.59 0.03
CA LEU B 320 -8.59 29.80 -1.37
C LEU B 320 -9.75 30.32 -2.24
N GLY B 321 -10.99 30.34 -1.73
CA GLY B 321 -12.13 30.88 -2.44
C GLY B 321 -12.32 30.29 -3.84
N VAL B 322 -12.12 31.11 -4.89
CA VAL B 322 -12.26 30.69 -6.29
C VAL B 322 -11.29 29.55 -6.60
N MET B 323 -10.11 29.54 -5.94
CA MET B 323 -9.10 28.51 -6.16
C MET B 323 -9.23 27.27 -5.24
N SER B 324 -10.34 27.09 -4.54
CA SER B 324 -10.51 26.00 -3.59
C SER B 324 -10.29 24.63 -4.22
N TRP B 325 -10.64 24.47 -5.50
CA TRP B 325 -10.51 23.22 -6.24
C TRP B 325 -9.10 22.61 -6.23
N ILE B 326 -8.07 23.44 -5.97
CA ILE B 326 -6.69 22.97 -5.88
C ILE B 326 -6.53 21.86 -4.82
N ILE B 327 -7.19 21.96 -3.66
CA ILE B 327 -6.96 21.01 -2.59
C ILE B 327 -7.61 19.67 -2.94
N PRO B 328 -8.88 19.54 -3.38
CA PRO B 328 -9.38 18.27 -3.91
C PRO B 328 -8.46 17.63 -4.95
N VAL B 329 -7.95 18.40 -5.93
CA VAL B 329 -7.11 17.77 -6.94
C VAL B 329 -5.82 17.28 -6.30
N PHE B 330 -5.22 18.03 -5.35
CA PHE B 330 -4.05 17.51 -4.65
C PHE B 330 -4.36 16.23 -3.84
N VAL B 331 -5.50 16.10 -3.15
CA VAL B 331 -5.88 14.83 -2.54
C VAL B 331 -5.94 13.72 -3.60
N GLY B 332 -6.42 14.01 -4.79
CA GLY B 332 -6.44 13.03 -5.85
C GLY B 332 -5.05 12.59 -6.24
N LEU B 333 -4.21 13.51 -6.75
CA LEU B 333 -2.86 13.19 -7.19
C LEU B 333 -2.06 12.53 -6.06
N SER B 334 -2.34 12.95 -4.82
CA SER B 334 -1.82 12.32 -3.62
C SER B 334 -2.15 10.82 -3.56
N CYS B 335 -3.36 10.42 -3.91
CA CYS B 335 -3.75 9.02 -3.86
C CYS B 335 -3.18 8.22 -5.04
N PHE B 336 -3.00 8.85 -6.22
CA PHE B 336 -2.40 8.19 -7.36
C PHE B 336 -1.03 7.61 -7.00
N GLY B 337 -0.18 8.44 -6.34
CA GLY B 337 1.10 8.05 -5.74
C GLY B 337 1.03 6.85 -4.81
N SER B 338 -0.03 6.73 -4.03
CA SER B 338 -0.24 5.60 -3.14
C SER B 338 -0.67 4.33 -3.89
N VAL B 339 -1.45 4.43 -4.98
CA VAL B 339 -1.73 3.28 -5.81
C VAL B 339 -0.41 2.82 -6.41
N ASN B 340 0.41 3.74 -6.95
CA ASN B 340 1.68 3.34 -7.57
C ASN B 340 2.64 2.66 -6.60
N GLY B 341 2.84 3.27 -5.45
CA GLY B 341 3.65 2.69 -4.39
C GLY B 341 3.14 1.32 -3.94
N SER B 342 1.85 1.13 -3.87
CA SER B 342 1.28 -0.15 -3.50
C SER B 342 1.45 -1.17 -4.61
N LEU B 343 1.15 -0.86 -5.86
CA LEU B 343 1.28 -1.80 -6.99
C LEU B 343 2.70 -2.25 -7.15
N PHE B 344 3.64 -1.32 -7.00
CA PHE B 344 5.06 -1.59 -7.08
C PHE B 344 5.38 -2.62 -6.03
N THR B 345 5.26 -2.20 -4.79
CA THR B 345 5.61 -3.00 -3.64
C THR B 345 4.90 -4.35 -3.66
N SER B 346 3.62 -4.39 -3.95
CA SER B 346 2.78 -5.59 -3.97
C SER B 346 3.30 -6.60 -4.98
N SER B 347 3.71 -6.16 -6.16
CA SER B 347 4.26 -7.07 -7.18
C SER B 347 5.50 -7.82 -6.69
N ARG B 348 6.26 -7.23 -5.77
CA ARG B 348 7.45 -7.86 -5.23
C ARG B 348 7.08 -8.90 -4.18
N LEU B 349 6.03 -8.71 -3.40
CA LEU B 349 5.57 -9.68 -2.42
C LEU B 349 5.19 -10.99 -3.13
N PHE B 350 4.37 -10.93 -4.18
CA PHE B 350 3.95 -12.15 -4.85
C PHE B 350 5.10 -12.81 -5.60
N PHE B 351 5.97 -12.00 -6.19
CA PHE B 351 7.22 -12.48 -6.77
C PHE B 351 8.01 -13.32 -5.79
N VAL B 352 8.33 -12.76 -4.62
CA VAL B 352 9.05 -13.50 -3.60
C VAL B 352 8.27 -14.76 -3.16
N GLY B 353 6.98 -14.64 -2.92
CA GLY B 353 6.20 -15.80 -2.54
C GLY B 353 6.29 -16.96 -3.53
N SER B 354 6.39 -16.65 -4.83
CA SER B 354 6.55 -17.70 -5.84
C SER B 354 7.98 -18.25 -5.88
N ARG B 355 8.98 -17.41 -5.62
CA ARG B 355 10.37 -17.84 -5.61
C ARG B 355 10.60 -18.83 -4.47
N GLU B 356 9.99 -18.60 -3.30
CA GLU B 356 10.05 -19.50 -2.14
C GLU B 356 9.08 -20.69 -2.25
N GLY B 357 8.41 -20.87 -3.41
CA GLY B 357 7.68 -22.10 -3.69
C GLY B 357 6.23 -22.12 -3.16
N HIS B 358 5.84 -21.09 -2.40
CA HIS B 358 4.50 -20.97 -1.85
C HIS B 358 3.42 -20.69 -2.90
N LEU B 359 3.83 -20.22 -4.10
CA LEU B 359 2.88 -19.64 -5.04
C LEU B 359 3.26 -20.01 -6.48
N PRO B 360 2.31 -20.21 -7.43
CA PRO B 360 2.61 -20.72 -8.77
C PRO B 360 3.75 -20.02 -9.52
N SER B 361 4.61 -20.84 -10.15
CA SER B 361 5.94 -20.47 -10.60
C SER B 361 5.94 -19.36 -11.65
N ILE B 362 4.81 -19.12 -12.34
CA ILE B 362 4.76 -18.08 -13.36
C ILE B 362 5.13 -16.71 -12.75
N LEU B 363 4.68 -16.46 -11.53
CA LEU B 363 4.90 -15.16 -10.88
C LEU B 363 6.37 -14.85 -10.55
N SER B 364 7.29 -15.83 -10.67
CA SER B 364 8.71 -15.58 -10.49
C SER B 364 9.38 -15.09 -11.78
N MET B 365 8.72 -15.20 -12.93
CA MET B 365 9.38 -14.95 -14.20
C MET B 365 9.58 -13.45 -14.41
N ILE B 366 10.63 -13.06 -15.14
CA ILE B 366 10.95 -11.68 -15.44
C ILE B 366 10.99 -11.50 -16.97
N HIS B 367 10.78 -10.27 -17.49
CA HIS B 367 10.91 -10.00 -18.92
C HIS B 367 12.34 -9.60 -19.24
N PRO B 368 13.15 -10.44 -19.94
CA PRO B 368 14.60 -10.20 -20.09
C PRO B 368 15.11 -8.85 -20.61
N GLN B 369 14.36 -8.15 -21.49
CA GLN B 369 14.87 -6.88 -22.00
C GLN B 369 14.45 -5.67 -21.13
N LEU B 370 13.49 -5.80 -20.19
CA LEU B 370 13.02 -4.72 -19.34
C LEU B 370 13.27 -4.92 -17.83
N LEU B 371 13.46 -6.18 -17.40
CA LEU B 371 13.86 -6.57 -16.05
C LEU B 371 12.80 -6.13 -15.04
N THR B 372 11.51 -6.31 -15.40
CA THR B 372 10.34 -6.13 -14.53
C THR B 372 9.52 -7.41 -14.44
N PRO B 373 8.94 -7.76 -13.28
CA PRO B 373 8.30 -9.08 -13.09
C PRO B 373 6.89 -9.13 -13.63
N VAL B 374 6.77 -8.97 -14.96
CA VAL B 374 5.53 -8.76 -15.71
C VAL B 374 4.37 -9.68 -15.30
N PRO B 375 4.48 -11.00 -15.16
CA PRO B 375 3.37 -11.80 -14.66
C PRO B 375 2.87 -11.49 -13.24
N SER B 376 3.76 -11.11 -12.31
CA SER B 376 3.32 -10.66 -10.99
C SER B 376 2.51 -9.34 -11.02
N LEU B 377 2.98 -8.36 -11.78
CA LEU B 377 2.21 -7.15 -12.02
C LEU B 377 0.84 -7.42 -12.65
N VAL B 378 0.81 -8.20 -13.73
CA VAL B 378 -0.42 -8.50 -14.42
C VAL B 378 -1.37 -9.18 -13.46
N PHE B 379 -0.89 -10.09 -12.63
CA PHE B 379 -1.76 -10.73 -11.64
C PHE B 379 -2.32 -9.72 -10.63
N THR B 380 -1.47 -8.84 -10.13
CA THR B 380 -1.86 -7.83 -9.16
C THR B 380 -2.89 -6.84 -9.72
N CYS B 381 -2.75 -6.40 -10.97
CA CYS B 381 -3.74 -5.58 -11.60
C CYS B 381 -5.08 -6.31 -11.69
N VAL B 382 -5.11 -7.52 -12.27
CA VAL B 382 -6.35 -8.26 -12.40
C VAL B 382 -6.99 -8.45 -11.02
N MET B 383 -6.23 -8.88 -10.01
CA MET B 383 -6.81 -9.05 -8.69
C MET B 383 -7.33 -7.74 -8.10
N THR B 384 -6.84 -6.56 -8.50
CA THR B 384 -7.40 -5.30 -8.06
C THR B 384 -8.71 -5.04 -8.78
N LEU B 385 -8.77 -5.27 -10.08
CA LEU B 385 -9.95 -4.96 -10.82
C LEU B 385 -11.09 -5.88 -10.40
N LEU B 386 -10.85 -7.09 -9.96
CA LEU B 386 -11.92 -7.98 -9.51
C LEU B 386 -12.60 -7.46 -8.24
N TYR B 387 -12.07 -6.44 -7.57
CA TYR B 387 -12.76 -5.74 -6.48
C TYR B 387 -13.72 -4.68 -6.99
N ALA B 388 -13.59 -4.24 -8.24
CA ALA B 388 -14.50 -3.26 -8.84
C ALA B 388 -15.96 -3.71 -8.87
N PHE B 389 -16.23 -5.02 -8.83
CA PHE B 389 -17.58 -5.55 -8.85
C PHE B 389 -18.38 -5.30 -7.56
N SER B 390 -17.70 -5.10 -6.43
CA SER B 390 -18.35 -5.18 -5.12
C SER B 390 -19.15 -3.90 -4.80
N LYS B 391 -20.42 -4.06 -4.37
CA LYS B 391 -21.29 -2.93 -4.05
C LYS B 391 -20.84 -2.20 -2.78
N ASP B 392 -20.21 -2.94 -1.83
CA ASP B 392 -19.54 -2.36 -0.68
C ASP B 392 -18.10 -2.90 -0.61
N ILE B 393 -17.16 -2.15 0.00
CA ILE B 393 -15.74 -2.51 -0.08
C ILE B 393 -14.99 -2.31 1.24
N PHE B 394 -15.19 -1.18 1.98
CA PHE B 394 -14.47 -0.93 3.21
C PHE B 394 -14.66 -2.06 4.23
N SER B 395 -15.88 -2.63 4.32
CA SER B 395 -16.18 -3.77 5.19
C SER B 395 -15.19 -4.93 5.04
N VAL B 396 -14.82 -5.29 3.80
CA VAL B 396 -13.95 -6.44 3.56
C VAL B 396 -12.55 -6.20 4.11
N ILE B 397 -12.11 -4.94 4.18
CA ILE B 397 -10.85 -4.55 4.82
C ILE B 397 -11.01 -4.46 6.34
N ASN B 398 -12.14 -3.92 6.82
CA ASN B 398 -12.41 -3.79 8.24
C ASN B 398 -12.38 -5.15 8.96
N PHE B 399 -12.79 -6.23 8.26
CA PHE B 399 -12.64 -7.59 8.76
C PHE B 399 -11.21 -7.92 9.23
N PHE B 400 -10.19 -7.19 8.73
CA PHE B 400 -8.80 -7.47 9.03
C PHE B 400 -8.10 -6.32 9.75
N SER B 401 -8.82 -5.58 10.59
CA SER B 401 -8.26 -4.53 11.44
C SER B 401 -7.01 -5.03 12.17
N PHE B 402 -7.15 -6.20 12.81
CA PHE B 402 -6.15 -6.82 13.64
C PHE B 402 -4.95 -7.33 12.86
N PHE B 403 -5.11 -7.64 11.57
CA PHE B 403 -4.15 -8.44 10.82
C PHE B 403 -2.80 -7.73 10.61
N ASN B 404 -2.83 -6.45 10.23
CA ASN B 404 -1.62 -5.67 10.00
C ASN B 404 -0.75 -5.64 11.26
N TRP B 405 -1.33 -5.24 12.39
CA TRP B 405 -0.63 -5.17 13.67
C TRP B 405 -0.21 -6.56 14.14
N LEU B 406 -1.05 -7.60 13.91
CA LEU B 406 -0.68 -8.96 14.28
C LEU B 406 0.59 -9.37 13.53
N CYS B 407 0.65 -9.18 12.22
CA CYS B 407 1.82 -9.57 11.46
C CYS B 407 3.05 -8.80 11.91
N VAL B 408 2.89 -7.51 12.22
CA VAL B 408 4.01 -6.71 12.70
C VAL B 408 4.49 -7.24 14.04
N ALA B 409 3.58 -7.51 14.98
CA ALA B 409 3.93 -8.06 16.28
C ALA B 409 4.67 -9.39 16.10
N LEU B 410 4.19 -10.27 15.22
CA LEU B 410 4.84 -11.55 14.93
C LEU B 410 6.22 -11.35 14.29
N ALA B 411 6.41 -10.36 13.42
CA ALA B 411 7.74 -10.07 12.90
C ALA B 411 8.72 -9.66 14.01
N ILE B 412 8.33 -8.77 14.92
CA ILE B 412 9.25 -8.26 15.92
C ILE B 412 9.44 -9.30 17.05
N ILE B 413 8.41 -10.07 17.45
CA ILE B 413 8.62 -11.29 18.25
C ILE B 413 9.65 -12.20 17.55
N GLY B 414 9.51 -12.35 16.25
CA GLY B 414 10.50 -13.06 15.47
C GLY B 414 11.90 -12.49 15.67
N MET B 415 12.07 -11.16 15.70
CA MET B 415 13.38 -10.56 15.89
C MET B 415 13.95 -10.83 17.29
N ILE B 416 13.12 -10.93 18.34
CA ILE B 416 13.58 -11.39 19.65
C ILE B 416 14.14 -12.82 19.52
N TRP B 417 13.33 -13.75 18.97
CA TRP B 417 13.67 -15.17 18.88
C TRP B 417 14.91 -15.37 18.00
N LEU B 418 15.04 -14.58 16.93
CA LEU B 418 16.19 -14.59 16.03
C LEU B 418 17.48 -14.13 16.73
N ARG B 419 17.40 -13.18 17.67
CA ARG B 419 18.56 -12.81 18.48
C ARG B 419 19.00 -13.93 19.42
N HIS B 420 18.07 -14.66 20.07
CA HIS B 420 18.43 -15.82 20.90
C HIS B 420 19.00 -16.98 20.07
N ARG B 421 18.38 -17.29 18.92
CA ARG B 421 18.70 -18.47 18.15
C ARG B 421 20.00 -18.31 17.37
N LYS B 422 20.27 -17.14 16.76
CA LYS B 422 21.48 -16.99 15.94
C LYS B 422 22.17 -15.61 16.09
N PRO B 423 22.79 -15.34 17.27
CA PRO B 423 23.59 -14.14 17.50
C PRO B 423 24.71 -13.86 16.50
N GLU B 424 25.20 -14.91 15.81
CA GLU B 424 26.30 -14.80 14.85
C GLU B 424 25.86 -14.22 13.49
N LEU B 425 24.55 -14.13 13.20
CA LEU B 425 24.08 -13.54 11.95
C LEU B 425 24.33 -12.03 11.94
N GLU B 426 24.83 -11.51 10.80
CA GLU B 426 25.32 -10.14 10.69
C GLU B 426 24.20 -9.10 10.86
N ARG B 427 24.50 -8.03 11.62
CA ARG B 427 23.56 -7.02 12.08
C ARG B 427 24.20 -5.63 12.04
N PRO B 428 24.15 -4.90 10.90
CA PRO B 428 24.62 -3.51 10.81
C PRO B 428 23.89 -2.55 11.73
N ILE B 429 22.61 -2.86 12.03
CA ILE B 429 21.78 -2.18 13.01
C ILE B 429 21.54 -3.14 14.19
N LYS B 430 21.65 -2.61 15.42
CA LYS B 430 21.47 -3.38 16.65
C LYS B 430 20.81 -2.45 17.69
N VAL B 431 19.48 -2.37 17.64
CA VAL B 431 18.66 -1.51 18.49
C VAL B 431 18.60 -2.07 19.92
N ASN B 432 18.58 -1.17 20.92
CA ASN B 432 18.43 -1.54 22.34
C ASN B 432 17.14 -2.34 22.55
N LEU B 433 17.24 -3.54 23.16
CA LEU B 433 16.17 -4.54 23.21
C LEU B 433 14.88 -4.01 23.87
N ALA B 434 14.98 -2.93 24.67
CA ALA B 434 13.84 -2.19 25.19
C ALA B 434 12.80 -1.85 24.12
N LEU B 435 13.24 -1.36 22.94
CA LEU B 435 12.34 -0.87 21.91
C LEU B 435 11.51 -2.01 21.32
N PRO B 436 12.07 -3.09 20.74
CA PRO B 436 11.26 -4.27 20.37
C PRO B 436 10.28 -4.75 21.42
N VAL B 437 10.69 -4.90 22.68
CA VAL B 437 9.78 -5.44 23.71
C VAL B 437 8.64 -4.45 24.00
N PHE B 438 8.95 -3.14 24.11
CA PHE B 438 7.96 -2.08 24.23
C PHE B 438 6.94 -2.12 23.09
N PHE B 439 7.44 -2.20 21.88
CA PHE B 439 6.61 -2.21 20.68
C PHE B 439 5.74 -3.46 20.58
N ILE B 440 6.28 -4.65 20.88
CA ILE B 440 5.52 -5.89 20.91
C ILE B 440 4.41 -5.75 21.96
N LEU B 441 4.77 -5.37 23.19
CA LEU B 441 3.81 -5.28 24.29
C LEU B 441 2.65 -4.36 23.91
N ALA B 442 2.97 -3.20 23.31
CA ALA B 442 1.97 -2.26 22.80
C ALA B 442 1.07 -2.90 21.71
N CYS B 443 1.62 -3.60 20.73
CA CYS B 443 0.82 -4.23 19.69
C CYS B 443 -0.10 -5.33 20.22
N LEU B 444 0.37 -6.16 21.17
CA LEU B 444 -0.49 -7.19 21.75
C LEU B 444 -1.72 -6.57 22.43
N PHE B 445 -1.61 -5.33 22.92
CA PHE B 445 -2.72 -4.55 23.46
C PHE B 445 -3.60 -3.99 22.34
N LEU B 446 -3.02 -3.42 21.28
CA LEU B 446 -3.81 -2.90 20.15
C LEU B 446 -4.56 -4.01 19.39
N ILE B 447 -3.99 -5.22 19.25
CA ILE B 447 -4.67 -6.35 18.64
C ILE B 447 -5.94 -6.66 19.44
N ALA B 448 -5.85 -6.65 20.78
CA ALA B 448 -7.01 -6.84 21.64
C ALA B 448 -8.02 -5.70 21.48
N VAL B 449 -7.58 -4.44 21.46
CA VAL B 449 -8.45 -3.30 21.15
C VAL B 449 -9.17 -3.44 19.80
N SER B 450 -8.48 -3.94 18.79
CA SER B 450 -9.02 -4.14 17.44
C SER B 450 -10.19 -5.11 17.47
N PHE B 451 -10.08 -6.20 18.23
CA PHE B 451 -11.23 -7.08 18.50
C PHE B 451 -12.28 -6.36 19.34
N TRP B 452 -11.92 -5.76 20.47
CA TRP B 452 -12.88 -5.09 21.37
C TRP B 452 -13.72 -3.98 20.70
N LYS B 453 -13.20 -3.31 19.67
CA LYS B 453 -13.95 -2.36 18.84
C LYS B 453 -15.12 -3.02 18.12
N THR B 454 -14.95 -4.25 17.63
CA THR B 454 -15.98 -5.00 16.89
C THR B 454 -15.68 -6.50 16.94
N PRO B 455 -16.00 -7.20 18.06
CA PRO B 455 -15.69 -8.63 18.20
C PRO B 455 -16.28 -9.58 17.15
N VAL B 456 -17.29 -9.14 16.38
CA VAL B 456 -17.83 -9.91 15.27
C VAL B 456 -16.85 -9.89 14.08
N GLU B 457 -16.43 -8.70 13.63
CA GLU B 457 -15.77 -8.55 12.33
C GLU B 457 -14.36 -9.15 12.32
N CYS B 458 -13.58 -8.98 13.40
CA CYS B 458 -12.29 -9.65 13.54
C CYS B 458 -12.44 -11.18 13.58
N GLY B 459 -13.58 -11.70 14.05
CA GLY B 459 -13.92 -13.11 13.92
C GLY B 459 -14.15 -13.56 12.48
N ILE B 460 -14.84 -12.74 11.66
CA ILE B 460 -15.04 -13.02 10.24
C ILE B 460 -13.67 -13.07 9.55
N GLY B 461 -12.83 -12.06 9.77
CA GLY B 461 -11.45 -12.07 9.27
C GLY B 461 -10.68 -13.33 9.65
N PHE B 462 -10.68 -13.69 10.94
CA PHE B 462 -10.02 -14.91 11.42
C PHE B 462 -10.59 -16.17 10.76
N THR B 463 -11.91 -16.20 10.46
CA THR B 463 -12.52 -17.28 9.70
C THR B 463 -11.96 -17.38 8.27
N ILE B 464 -11.74 -16.23 7.60
CA ILE B 464 -11.17 -16.20 6.25
C ILE B 464 -9.68 -16.60 6.25
N ILE B 465 -8.90 -16.27 7.31
CA ILE B 465 -7.51 -16.75 7.42
C ILE B 465 -7.47 -18.27 7.28
N LEU B 466 -8.42 -19.00 7.90
CA LEU B 466 -8.44 -20.47 7.81
C LEU B 466 -8.71 -20.97 6.39
N SER B 467 -9.26 -20.17 5.47
CA SER B 467 -9.31 -20.50 4.04
C SER B 467 -7.91 -20.76 3.43
N GLY B 468 -6.85 -20.25 4.06
CA GLY B 468 -5.50 -20.57 3.67
C GLY B 468 -5.08 -22.02 3.89
N LEU B 469 -5.69 -22.72 4.85
CA LEU B 469 -5.28 -24.08 5.13
C LEU B 469 -5.66 -25.03 3.98
N PRO B 470 -6.92 -25.09 3.44
CA PRO B 470 -7.20 -25.81 2.21
C PRO B 470 -6.20 -25.54 1.09
N VAL B 471 -5.87 -24.27 0.83
CA VAL B 471 -5.03 -23.93 -0.31
C VAL B 471 -3.59 -24.37 -0.04
N TYR B 472 -3.06 -24.22 1.18
CA TYR B 472 -1.70 -24.67 1.49
C TYR B 472 -1.57 -26.19 1.31
N PHE B 473 -2.52 -26.96 1.84
CA PHE B 473 -2.45 -28.42 1.72
C PHE B 473 -2.57 -28.87 0.26
N PHE B 474 -3.50 -28.28 -0.53
CA PHE B 474 -3.63 -28.59 -1.95
C PHE B 474 -2.42 -28.10 -2.78
N GLY B 475 -1.86 -26.94 -2.45
CA GLY B 475 -0.83 -26.28 -3.25
C GLY B 475 0.62 -26.59 -2.85
N VAL B 476 0.85 -27.06 -1.60
CA VAL B 476 2.21 -27.32 -1.10
C VAL B 476 2.38 -28.76 -0.58
N TRP B 477 1.48 -29.23 0.31
CA TRP B 477 1.63 -30.54 0.92
C TRP B 477 1.28 -31.71 -0.01
N TRP B 478 0.37 -31.49 -0.99
CA TRP B 478 -0.10 -32.56 -1.89
C TRP B 478 0.86 -32.86 -3.05
N LYS B 479 1.88 -32.01 -3.29
CA LYS B 479 2.86 -32.11 -4.38
C LYS B 479 2.22 -32.20 -5.77
N ASN B 480 0.95 -31.74 -5.94
CA ASN B 480 0.24 -31.61 -7.20
C ASN B 480 0.19 -32.92 -8.01
N LYS B 481 0.09 -34.08 -7.32
CA LYS B 481 0.39 -35.41 -7.89
C LYS B 481 -0.43 -35.84 -9.12
N PRO B 482 -1.77 -35.61 -9.22
CA PRO B 482 -2.56 -36.02 -10.40
C PRO B 482 -2.06 -35.46 -11.73
N LYS B 483 -1.72 -36.34 -12.68
CA LYS B 483 -1.07 -35.94 -13.93
C LYS B 483 -1.95 -34.99 -14.77
N TRP B 484 -3.28 -35.11 -14.68
CA TRP B 484 -4.19 -34.19 -15.36
C TRP B 484 -4.21 -32.77 -14.77
N LEU B 485 -3.75 -32.60 -13.51
CA LEU B 485 -3.43 -31.27 -12.99
C LEU B 485 -2.01 -30.88 -13.40
N LEU B 486 -1.02 -31.73 -13.13
CA LEU B 486 0.39 -31.39 -13.30
C LEU B 486 0.76 -30.99 -14.73
N GLN B 487 0.25 -31.71 -15.73
CA GLN B 487 0.49 -31.41 -17.14
C GLN B 487 -0.22 -30.12 -17.58
N GLY B 488 -1.42 -29.85 -17.02
CA GLY B 488 -2.16 -28.63 -17.28
C GLY B 488 -1.51 -27.38 -16.68
N ILE B 489 -0.96 -27.49 -15.44
CA ILE B 489 -0.15 -26.48 -14.78
C ILE B 489 1.02 -26.11 -15.70
N PHE B 490 1.75 -27.12 -16.18
CA PHE B 490 2.90 -26.90 -17.03
C PHE B 490 2.45 -26.23 -18.33
N SER B 491 1.43 -26.78 -19.00
CA SER B 491 0.93 -26.24 -20.26
C SER B 491 0.53 -24.75 -20.13
N THR B 492 -0.14 -24.38 -19.04
CA THR B 492 -0.52 -23.00 -18.78
C THR B 492 0.72 -22.12 -18.50
N THR B 493 1.69 -22.66 -17.76
CA THR B 493 2.93 -21.94 -17.48
C THR B 493 3.68 -21.63 -18.78
N VAL B 494 3.94 -22.64 -19.63
CA VAL B 494 4.71 -22.45 -20.87
C VAL B 494 3.95 -21.56 -21.86
N LEU B 495 2.62 -21.61 -21.86
CA LEU B 495 1.80 -20.67 -22.61
C LEU B 495 2.10 -19.24 -22.13
N CYS B 496 1.99 -18.94 -20.84
CA CYS B 496 2.24 -17.59 -20.34
C CYS B 496 3.67 -17.13 -20.66
N GLN B 497 4.68 -17.98 -20.48
CA GLN B 497 6.05 -17.64 -20.83
C GLN B 497 6.15 -17.18 -22.28
N LYS B 498 5.53 -17.92 -23.22
CA LYS B 498 5.48 -17.63 -24.66
C LYS B 498 4.74 -16.32 -24.92
N LEU B 499 3.59 -16.16 -24.24
CA LEU B 499 2.60 -15.12 -24.48
C LEU B 499 3.10 -13.74 -24.06
N MET B 500 3.97 -13.64 -23.03
CA MET B 500 4.53 -12.33 -22.65
C MET B 500 6.08 -12.32 -22.55
N GLN B 501 6.74 -13.37 -23.05
CA GLN B 501 8.20 -13.47 -23.24
C GLN B 501 8.93 -13.29 -21.91
N VAL B 502 8.70 -14.24 -20.97
CA VAL B 502 9.26 -14.16 -19.62
C VAL B 502 9.92 -15.48 -19.21
N VAL B 503 10.96 -15.34 -18.35
CA VAL B 503 11.90 -16.42 -18.07
C VAL B 503 12.24 -16.43 -16.58
N PRO B 504 12.66 -17.58 -16.00
CA PRO B 504 13.02 -17.63 -14.58
C PRO B 504 14.24 -16.75 -14.28
N GLN B 505 14.27 -16.17 -13.08
CA GLN B 505 15.45 -15.41 -12.63
C GLN B 505 16.61 -16.36 -12.34
N GLU B 506 17.84 -15.81 -12.38
CA GLU B 506 19.05 -16.58 -12.18
C GLU B 506 19.67 -16.24 -10.82
N THR B 507 19.92 -17.27 -9.98
CA THR B 507 20.54 -17.07 -8.67
C THR B 507 21.98 -16.58 -8.82
C1 CLR C . -15.66 17.28 -18.37
C2 CLR C . -16.59 18.44 -18.79
C3 CLR C . -16.15 19.78 -18.24
C4 CLR C . -14.69 20.05 -18.53
C5 CLR C . -13.79 18.90 -18.11
C6 CLR C . -12.75 19.09 -17.30
C7 CLR C . -11.75 18.08 -16.90
C8 CLR C . -11.87 16.74 -17.63
C9 CLR C . -13.34 16.39 -17.93
C10 CLR C . -14.16 17.52 -18.66
C11 CLR C . -13.43 15.00 -18.60
C12 CLR C . -12.76 13.89 -17.78
C13 CLR C . -11.29 14.21 -17.42
C14 CLR C . -11.31 15.60 -16.77
C15 CLR C . -9.94 15.75 -16.11
C16 CLR C . -9.55 14.30 -15.75
C17 CLR C . -10.68 13.36 -16.27
C18 CLR C . -10.40 14.18 -18.68
C19 CLR C . -13.86 17.52 -20.18
C20 CLR C . -10.22 11.90 -16.53
C21 CLR C . -11.43 10.97 -16.71
C22 CLR C . -9.26 11.35 -15.44
C23 CLR C . -8.60 10.03 -15.78
C24 CLR C . -7.26 9.78 -15.09
C25 CLR C . -6.62 8.41 -15.36
C26 CLR C . -5.31 8.24 -14.61
C27 CLR C . -6.39 8.17 -16.84
O1 CLR C . -16.95 20.82 -18.81
C1 CLR D . -16.30 -2.70 -13.65
C2 CLR D . -17.48 -1.72 -13.54
C3 CLR D . -17.14 -0.38 -14.17
C4 CLR D . -16.86 -0.62 -15.63
C5 CLR D . -15.63 -1.50 -15.78
C6 CLR D . -14.56 -1.12 -16.49
C7 CLR D . -13.35 -1.97 -16.73
C8 CLR D . -13.54 -3.43 -16.36
C9 CLR D . -14.26 -3.50 -15.00
C10 CLR D . -15.71 -2.87 -15.08
C11 CLR D . -14.18 -4.91 -14.37
C12 CLR D . -12.82 -5.64 -14.47
C13 CLR D . -12.28 -5.66 -15.91
C14 CLR D . -12.21 -4.17 -16.34
C15 CLR D . -11.34 -4.16 -17.59
C16 CLR D . -10.44 -5.41 -17.47
C17 CLR D . -10.80 -6.10 -16.10
C18 CLR D . -13.21 -6.53 -16.80
C19 CLR D . -16.70 -3.73 -15.89
C20 CLR D . -10.41 -7.60 -15.96
C21 CLR D . -10.03 -7.91 -14.52
C22 CLR D . -9.27 -8.04 -16.92
C23 CLR D . -8.78 -9.48 -16.81
C24 CLR D . -9.82 -10.50 -17.27
C25 CLR D . -9.51 -11.99 -17.01
C26 CLR D . -9.63 -12.35 -15.54
C27 CLR D . -8.15 -12.40 -17.55
O1 CLR D . -18.19 0.59 -14.02
C1 LBN E . 4.63 -6.37 -24.22
N1 LBN E . 8.16 -2.59 -25.45
P1 LBN E . 6.94 -7.17 -25.33
C2 LBN E . 4.93 -6.37 -22.74
C3 LBN E . 5.19 -5.00 -22.15
C6 LBN E . 7.81 -3.87 -26.21
O1 LBN E . 5.84 -6.05 -24.96
C9 LBN E . 8.56 -5.13 -25.85
O2 LBN E . 7.93 -6.36 -26.30
C12 LBN E . 7.50 -1.42 -26.12
O3 LBN E . 6.31 -8.25 -26.16
C15 LBN E . 9.64 -2.36 -25.44
O4 LBN E . 7.60 -7.55 -24.03
C18 LBN E . 7.65 -2.66 -24.03
C25 LBN E . 3.95 -3.20 -21.29
O5 LBN E . 3.98 -4.20 -22.15
C26 LBN E . 2.53 -2.86 -20.80
O6 LBN E . 4.96 -2.61 -20.96
C27 LBN E . 1.75 -4.05 -20.19
C28 LBN E . 0.35 -3.64 -19.66
C29 LBN E . -0.25 -4.55 -18.54
C30 LBN E . -1.76 -4.70 -18.48
C31 LBN E . -2.33 -5.94 -17.73
C32 LBN E . -3.88 -6.03 -17.41
C34 LBN E . 3.56 -8.21 -22.10
O7 LBN E . 3.78 -6.89 -22.02
C35 LBN E . 2.16 -8.52 -21.67
O8 LBN E . 4.39 -9.01 -22.46
C36 LBN E . 1.35 -9.21 -22.70
C37 LBN E . 0.17 -9.98 -22.09
C38 LBN E . -1.02 -9.16 -21.74
C39 LBN E . -2.23 -10.03 -21.38
C40 LBN E . -3.53 -9.26 -21.19
C41 LBN E . -4.15 -8.72 -22.47
C42 LBN E . -5.30 -7.78 -22.26
N1 VRW F . -6.18 -1.44 5.01
N3 VRW F . -3.75 -5.35 6.82
C4 VRW F . -6.33 0.65 3.75
C5 VRW F . -5.62 1.55 2.91
C6 VRW F . -6.28 2.61 2.31
C2 VRW F . -8.36 1.88 3.34
C1 VRW F . -7.65 2.78 2.51
C3 VRW F . -7.72 0.81 3.95
C7 VRW F . -5.64 -0.48 4.33
C8 VRW F . -5.13 -2.31 5.30
C9 VRW F . -5.09 -3.52 6.01
C10 VRW F . -3.86 -4.15 6.13
C11 VRW F . -2.69 -3.62 5.58
C12 VRW F . -2.73 -2.41 4.88
C13 VRW F . -3.96 -1.78 4.75
O1 VRW F . -4.28 -0.60 4.10
C14 VRW F . -1.46 -1.84 4.29
O2 VRW F . -0.86 -0.88 5.25
C15 VRW F . -1.44 0.35 5.30
C16 VRW F . -1.31 1.26 4.28
C17 VRW F . -1.92 2.47 4.28
C18 VRW F . -2.75 2.85 5.31
C19 VRW F . -2.94 1.95 6.36
C20 VRW F . -2.31 0.72 6.36
CL1 VRW F . -2.59 -0.36 7.70
C21 VRW F . -3.36 4.24 5.22
C22 VRW F . -2.39 5.39 4.92
C23 VRW F . -3.10 6.72 4.67
O3 VRW F . -2.55 7.72 5.20
O4 VRW F . -4.16 6.73 3.98
N2 VRW F . -1.41 5.61 6.04
CL2 VRW F . -0.33 0.99 2.88
#